data_1GU2
#
_entry.id   1GU2
#
_cell.length_a   58.537
_cell.length_b   74.115
_cell.length_c   78.388
_cell.angle_alpha   90.00
_cell.angle_beta   90.00
_cell.angle_gamma   90.00
#
_symmetry.space_group_name_H-M   'P 21 21 21'
#
loop_
_entity.id
_entity.type
_entity.pdbx_description
1 polymer "CYTOCHROME C''"
2 non-polymer 'HEME C'
3 water water
#
_entity_poly.entity_id   1
_entity_poly.type   'polypeptide(L)'
_entity_poly.pdbx_seq_one_letter_code
;DVTNAEKLVYKYTNIAHSANPMYEAPSITDGKIFFNRKFKTPSGKEAACASCHTNNPANVGKNIVTGKEIPPLAPRVNTK
RFTDIDKVEDEFTKHCNDILGADCSPSEKANFIAYLLTETKPTK
;
_entity_poly.pdbx_strand_id   A,B
#
loop_
_chem_comp.id
_chem_comp.type
_chem_comp.name
_chem_comp.formula
HEC non-polymer 'HEME C' 'C34 H34 Fe N4 O4'
#
# COMPACT_ATOMS: atom_id res chain seq x y z
N ASP A 1 14.87 -11.63 -17.27
CA ASP A 1 16.25 -11.80 -16.83
C ASP A 1 16.56 -10.85 -15.69
N VAL A 2 17.80 -10.89 -15.18
CA VAL A 2 18.22 -10.00 -14.11
C VAL A 2 18.09 -8.56 -14.52
N THR A 3 18.37 -8.19 -15.74
CA THR A 3 18.32 -6.82 -16.21
C THR A 3 16.93 -6.23 -16.01
N ASN A 4 15.93 -6.98 -16.49
CA ASN A 4 14.56 -6.45 -16.37
C ASN A 4 14.14 -6.42 -14.92
N ALA A 5 14.56 -7.41 -14.14
CA ALA A 5 14.18 -7.42 -12.71
C ALA A 5 14.75 -6.20 -12.04
N GLU A 6 16.03 -5.92 -12.25
CA GLU A 6 16.65 -4.78 -11.61
C GLU A 6 15.94 -3.47 -11.98
N LYS A 7 15.63 -3.28 -13.26
CA LYS A 7 14.93 -2.05 -13.65
C LYS A 7 13.55 -1.94 -13.00
N LEU A 8 12.85 -3.06 -12.79
CA LEU A 8 11.55 -3.04 -12.11
C LEU A 8 11.72 -2.60 -10.66
N VAL A 9 12.81 -2.93 -10.00
CA VAL A 9 12.98 -2.45 -8.61
C VAL A 9 12.96 -0.94 -8.58
N TYR A 10 13.67 -0.24 -9.52
CA TYR A 10 13.63 1.22 -9.52
C TYR A 10 12.24 1.77 -9.81
N LYS A 11 11.57 1.16 -10.77
CA LYS A 11 10.22 1.60 -11.14
C LYS A 11 9.31 1.53 -9.93
N TYR A 12 9.23 0.39 -9.27
CA TYR A 12 8.33 0.25 -8.12
C TYR A 12 8.79 1.09 -6.93
N THR A 13 10.10 1.28 -6.79
CA THR A 13 10.56 2.15 -5.69
C THR A 13 10.07 3.57 -5.88
N ASN A 14 10.16 4.06 -7.11
CA ASN A 14 9.73 5.44 -7.35
C ASN A 14 8.22 5.59 -7.20
N ILE A 15 7.42 4.61 -7.65
CA ILE A 15 5.97 4.65 -7.42
C ILE A 15 5.68 4.64 -5.92
N ALA A 16 6.37 3.76 -5.16
CA ALA A 16 6.15 3.64 -3.71
C ALA A 16 6.51 4.93 -2.99
N HIS A 17 7.61 5.54 -3.38
CA HIS A 17 8.03 6.77 -2.70
C HIS A 17 7.06 7.92 -2.94
N SER A 18 6.43 7.99 -4.12
CA SER A 18 5.41 8.99 -4.39
C SER A 18 4.18 8.79 -3.48
N ALA A 19 3.80 7.54 -3.27
CA ALA A 19 2.60 7.24 -2.51
C ALA A 19 2.80 7.24 -0.99
N ASN A 20 4.03 7.00 -0.58
CA ASN A 20 4.44 6.72 0.82
C ASN A 20 5.79 7.32 1.03
N PRO A 21 5.84 8.64 1.24
CA PRO A 21 7.11 9.35 1.21
C PRO A 21 8.20 8.87 2.16
N MET A 22 7.83 8.25 3.29
CA MET A 22 8.87 7.72 4.16
C MET A 22 9.59 6.52 3.56
N TYR A 23 9.01 5.88 2.55
CA TYR A 23 9.71 4.80 1.86
C TYR A 23 10.63 5.38 0.84
N GLU A 24 11.90 5.09 0.95
CA GLU A 24 12.93 5.70 0.09
C GLU A 24 13.72 4.77 -0.79
N ALA A 25 13.89 3.53 -0.34
CA ALA A 25 14.73 2.54 -1.01
C ALA A 25 14.29 1.17 -0.60
N PRO A 26 14.54 0.19 -1.45
CA PRO A 26 14.18 -1.20 -1.09
C PRO A 26 14.85 -1.76 0.15
N SER A 27 14.15 -2.62 0.85
CA SER A 27 14.65 -3.39 1.96
C SER A 27 14.59 -4.87 1.62
N ILE A 28 15.75 -5.47 1.41
CA ILE A 28 15.73 -6.89 1.15
C ILE A 28 15.31 -7.70 2.37
N THR A 29 15.57 -7.23 3.57
CA THR A 29 15.06 -7.86 4.77
C THR A 29 13.53 -7.92 4.77
N ASP A 30 12.92 -6.77 4.42
CA ASP A 30 11.45 -6.78 4.39
C ASP A 30 10.93 -7.64 3.26
N GLY A 31 11.61 -7.69 2.14
CA GLY A 31 11.17 -8.57 1.05
C GLY A 31 11.23 -10.03 1.45
N LYS A 32 12.27 -10.45 2.16
CA LYS A 32 12.37 -11.79 2.65
C LYS A 32 11.28 -12.12 3.69
N ILE A 33 11.01 -11.16 4.61
CA ILE A 33 9.96 -11.38 5.59
C ILE A 33 8.62 -11.51 4.88
N PHE A 34 8.35 -10.69 3.89
CA PHE A 34 7.11 -10.76 3.13
C PHE A 34 6.97 -12.14 2.49
N PHE A 35 8.03 -12.69 1.93
CA PHE A 35 8.02 -13.98 1.22
C PHE A 35 7.73 -15.14 2.14
N ASN A 36 8.21 -15.07 3.38
CA ASN A 36 8.05 -16.15 4.35
C ASN A 36 6.91 -15.98 5.32
N ARG A 37 6.30 -14.82 5.37
CA ARG A 37 5.31 -14.53 6.41
C ARG A 37 4.08 -15.38 6.26
N LYS A 38 3.59 -15.98 7.36
CA LYS A 38 2.37 -16.72 7.32
C LYS A 38 1.20 -15.77 7.43
N PHE A 39 0.36 -15.80 6.41
CA PHE A 39 -0.88 -15.03 6.41
C PHE A 39 -2.04 -15.99 6.58
N LYS A 40 -3.20 -15.41 6.91
CA LYS A 40 -4.39 -16.20 7.21
C LYS A 40 -5.27 -16.28 5.99
N THR A 41 -5.50 -17.47 5.48
CA THR A 41 -6.45 -17.66 4.39
C THR A 41 -7.87 -17.59 4.95
N PRO A 42 -8.88 -17.41 4.11
CA PRO A 42 -10.26 -17.31 4.64
C PRO A 42 -10.67 -18.45 5.57
N SER A 43 -10.20 -19.64 5.28
CA SER A 43 -10.52 -20.85 6.05
C SER A 43 -9.93 -20.84 7.46
N GLY A 44 -8.92 -20.03 7.71
CA GLY A 44 -8.17 -20.04 8.98
C GLY A 44 -6.84 -20.76 8.81
N LYS A 45 -6.62 -21.52 7.74
CA LYS A 45 -5.32 -22.14 7.50
C LYS A 45 -4.30 -21.07 7.14
N GLU A 46 -3.10 -21.19 7.63
CA GLU A 46 -2.03 -20.28 7.29
C GLU A 46 -1.33 -20.70 6.00
N ALA A 47 -0.86 -19.74 5.24
CA ALA A 47 -0.01 -20.02 4.06
C ALA A 47 0.99 -18.87 3.93
N ALA A 48 2.02 -19.07 3.12
CA ALA A 48 3.02 -18.06 2.81
C ALA A 48 3.40 -18.20 1.34
N CYS A 49 4.03 -17.19 0.77
CA CYS A 49 4.59 -17.38 -0.58
C CYS A 49 5.49 -18.65 -0.63
N ALA A 50 6.26 -18.82 0.45
CA ALA A 50 7.15 -19.96 0.58
C ALA A 50 6.44 -21.32 0.62
N SER A 51 5.12 -21.33 0.87
CA SER A 51 4.39 -22.59 0.87
C SER A 51 4.49 -23.29 -0.47
N CYS A 52 4.46 -22.49 -1.56
CA CYS A 52 4.57 -23.02 -2.90
C CYS A 52 5.96 -22.83 -3.47
N HIS A 53 6.63 -21.72 -3.15
CA HIS A 53 7.92 -21.40 -3.82
C HIS A 53 9.10 -21.88 -3.03
N THR A 54 8.87 -22.52 -1.86
CA THR A 54 9.86 -22.94 -0.87
C THR A 54 10.43 -21.72 -0.19
N ASN A 55 11.26 -21.95 0.84
CA ASN A 55 11.87 -20.80 1.52
C ASN A 55 13.10 -20.23 0.88
N ASN A 56 13.49 -20.59 -0.26
CA ASN A 56 14.52 -20.20 -1.20
C ASN A 56 13.95 -20.09 -2.63
N PRO A 57 13.83 -18.86 -3.11
CA PRO A 57 13.29 -18.66 -4.48
C PRO A 57 14.19 -19.05 -5.61
N ALA A 58 15.44 -19.51 -5.40
CA ALA A 58 16.35 -20.11 -6.31
C ALA A 58 16.02 -21.58 -6.51
N ASN A 59 15.14 -22.18 -5.70
CA ASN A 59 14.78 -23.59 -5.85
C ASN A 59 13.50 -23.78 -6.69
N VAL A 60 13.29 -25.00 -7.16
CA VAL A 60 12.04 -25.39 -7.79
C VAL A 60 10.99 -25.53 -6.72
N GLY A 61 9.84 -24.94 -6.93
CA GLY A 61 8.69 -24.96 -6.06
C GLY A 61 7.68 -26.03 -6.45
N LYS A 62 6.59 -26.09 -5.67
CA LYS A 62 5.52 -27.05 -5.92
C LYS A 62 4.22 -26.41 -5.45
N ASN A 63 3.25 -26.36 -6.36
CA ASN A 63 1.93 -25.78 -6.06
C ASN A 63 1.22 -26.68 -5.08
N ILE A 64 0.84 -26.11 -3.92
CA ILE A 64 0.20 -26.96 -2.90
C ILE A 64 -1.21 -27.36 -3.24
N VAL A 65 -1.91 -26.67 -4.08
CA VAL A 65 -3.23 -26.99 -4.63
C VAL A 65 -3.17 -28.10 -5.67
N THR A 66 -2.26 -28.06 -6.65
CA THR A 66 -2.30 -28.99 -7.76
C THR A 66 -1.15 -29.98 -7.79
N GLY A 67 -0.13 -29.76 -7.00
CA GLY A 67 1.01 -30.69 -7.00
C GLY A 67 2.04 -30.48 -8.09
N LYS A 68 1.93 -29.51 -8.97
CA LYS A 68 2.69 -29.22 -10.17
C LYS A 68 3.94 -28.47 -9.75
N GLU A 69 5.09 -28.88 -10.28
CA GLU A 69 6.28 -28.13 -9.97
C GLU A 69 6.23 -26.72 -10.57
N ILE A 70 6.96 -25.81 -9.94
CA ILE A 70 7.05 -24.42 -10.34
C ILE A 70 8.50 -24.02 -10.57
N PRO A 71 8.88 -23.53 -11.75
CA PRO A 71 10.28 -23.12 -11.92
C PRO A 71 10.69 -22.07 -10.89
N PRO A 72 12.00 -21.94 -10.63
CA PRO A 72 12.45 -20.95 -9.65
C PRO A 72 12.01 -19.53 -10.01
N LEU A 73 11.89 -18.69 -8.98
CA LEU A 73 11.62 -17.26 -9.15
C LEU A 73 12.86 -16.37 -9.32
N ALA A 74 14.01 -16.79 -8.77
CA ALA A 74 15.19 -15.94 -8.81
C ALA A 74 15.75 -15.81 -10.22
N PRO A 75 15.83 -14.61 -10.79
CA PRO A 75 16.19 -14.46 -12.21
C PRO A 75 17.64 -14.76 -12.55
N ARG A 76 18.53 -14.81 -11.57
CA ARG A 76 19.90 -15.29 -11.89
C ARG A 76 19.92 -16.79 -12.13
N VAL A 77 18.97 -17.51 -11.52
CA VAL A 77 18.88 -18.95 -11.66
C VAL A 77 17.98 -19.33 -12.81
N ASN A 78 16.82 -18.72 -12.89
CA ASN A 78 15.90 -18.93 -14.00
C ASN A 78 15.83 -17.64 -14.80
N THR A 79 16.61 -17.51 -15.84
CA THR A 79 16.78 -16.26 -16.55
C THR A 79 15.57 -15.90 -17.38
N LYS A 80 14.60 -16.80 -17.54
CA LYS A 80 13.31 -16.43 -18.16
C LYS A 80 12.46 -15.52 -17.28
N ARG A 81 12.63 -15.57 -15.97
CA ARG A 81 11.84 -14.68 -15.11
C ARG A 81 12.07 -13.22 -15.41
N PHE A 82 11.01 -12.49 -15.70
CA PHE A 82 10.98 -11.07 -16.01
C PHE A 82 11.44 -10.73 -17.42
N THR A 83 11.77 -11.72 -18.28
CA THR A 83 12.14 -11.37 -19.66
C THR A 83 10.95 -10.90 -20.47
N ASP A 84 9.79 -11.43 -20.16
CA ASP A 84 8.54 -11.16 -20.84
C ASP A 84 8.00 -9.85 -20.28
N ILE A 85 8.81 -8.81 -20.53
CA ILE A 85 8.52 -7.57 -19.80
C ILE A 85 7.18 -6.90 -20.18
N ASP A 86 6.66 -7.15 -21.38
CA ASP A 86 5.36 -6.59 -21.74
C ASP A 86 4.22 -7.20 -20.91
N LYS A 87 4.44 -8.38 -20.33
CA LYS A 87 3.37 -9.04 -19.63
C LYS A 87 3.62 -9.19 -18.15
N VAL A 88 4.87 -9.15 -17.68
CA VAL A 88 5.12 -9.65 -16.33
C VAL A 88 4.53 -8.75 -15.26
N GLU A 89 4.45 -7.43 -15.49
CA GLU A 89 3.85 -6.55 -14.48
C GLU A 89 2.38 -6.87 -14.30
N ASP A 90 1.65 -7.07 -15.40
CA ASP A 90 0.24 -7.46 -15.32
C ASP A 90 0.12 -8.82 -14.69
N GLU A 91 1.01 -9.75 -15.03
CA GLU A 91 0.91 -11.11 -14.45
C GLU A 91 1.16 -11.08 -12.95
N PHE A 92 2.09 -10.25 -12.48
CA PHE A 92 2.36 -10.18 -11.04
C PHE A 92 1.18 -9.57 -10.31
N THR A 93 0.56 -8.55 -10.88
CA THR A 93 -0.68 -7.99 -10.34
C THR A 93 -1.77 -9.04 -10.25
N LYS A 94 -1.97 -9.82 -11.30
CA LYS A 94 -2.99 -10.89 -11.28
C LYS A 94 -2.66 -11.91 -10.18
N HIS A 95 -1.38 -12.28 -10.07
CA HIS A 95 -0.98 -13.31 -9.08
C HIS A 95 -1.16 -12.83 -7.66
N CYS A 96 -0.79 -11.59 -7.37
CA CYS A 96 -1.05 -11.03 -6.05
C CYS A 96 -2.54 -11.05 -5.73
N ASN A 97 -3.35 -10.64 -6.70
CA ASN A 97 -4.81 -10.70 -6.51
C ASN A 97 -5.29 -12.11 -6.21
N ASP A 98 -4.81 -13.09 -6.93
CA ASP A 98 -5.17 -14.49 -6.71
C ASP A 98 -4.80 -14.96 -5.31
N ILE A 99 -3.54 -14.74 -4.89
CA ILE A 99 -3.03 -15.30 -3.65
C ILE A 99 -3.52 -14.53 -2.43
N LEU A 100 -3.52 -13.18 -2.54
CA LEU A 100 -3.78 -12.35 -1.36
C LEU A 100 -5.14 -11.68 -1.37
N GLY A 101 -5.83 -11.65 -2.52
CA GLY A 101 -7.12 -10.94 -2.61
C GLY A 101 -7.04 -9.57 -3.18
N ALA A 102 -5.85 -9.03 -3.40
CA ALA A 102 -5.64 -7.69 -3.90
C ALA A 102 -4.20 -7.58 -4.41
N ASP A 103 -3.92 -6.52 -5.15
CA ASP A 103 -2.54 -6.37 -5.67
C ASP A 103 -1.59 -6.20 -4.50
N CYS A 104 -0.33 -6.59 -4.75
CA CYS A 104 0.74 -6.25 -3.78
C CYS A 104 1.00 -4.77 -3.93
N SER A 105 1.47 -4.13 -2.85
CA SER A 105 1.77 -2.68 -2.94
C SER A 105 3.06 -2.43 -3.68
N PRO A 106 3.26 -1.22 -4.23
CA PRO A 106 4.52 -0.94 -4.90
C PRO A 106 5.76 -1.19 -4.05
N SER A 107 5.74 -0.83 -2.75
CA SER A 107 6.89 -1.12 -1.90
C SER A 107 7.08 -2.62 -1.67
N GLU A 108 6.02 -3.42 -1.54
CA GLU A 108 6.14 -4.83 -1.43
C GLU A 108 6.79 -5.38 -2.69
N LYS A 109 6.42 -4.91 -3.86
CA LYS A 109 7.00 -5.42 -5.12
C LYS A 109 8.46 -5.04 -5.24
N ALA A 110 8.81 -3.78 -4.92
CA ALA A 110 10.20 -3.37 -4.95
C ALA A 110 11.04 -4.19 -3.99
N ASN A 111 10.58 -4.37 -2.75
CA ASN A 111 11.34 -5.09 -1.75
C ASN A 111 11.48 -6.56 -2.15
N PHE A 112 10.42 -7.16 -2.69
CA PHE A 112 10.46 -8.56 -3.06
C PHE A 112 11.39 -8.81 -4.24
N ILE A 113 11.31 -7.98 -5.29
CA ILE A 113 12.18 -8.19 -6.44
C ILE A 113 13.62 -7.92 -6.06
N ALA A 114 13.89 -6.95 -5.21
CA ALA A 114 15.24 -6.70 -4.74
C ALA A 114 15.72 -7.90 -3.98
N TYR A 115 14.88 -8.50 -3.15
CA TYR A 115 15.25 -9.75 -2.45
C TYR A 115 15.57 -10.86 -3.44
N LEU A 116 14.75 -11.03 -4.49
CA LEU A 116 15.04 -12.05 -5.53
C LEU A 116 16.42 -11.85 -6.16
N LEU A 117 16.88 -10.63 -6.34
CA LEU A 117 18.19 -10.34 -6.93
C LEU A 117 19.31 -10.88 -6.04
N THR A 118 19.06 -11.10 -4.77
CA THR A 118 20.09 -11.50 -3.86
C THR A 118 20.17 -13.03 -3.65
N GLU A 119 19.18 -13.76 -4.12
CA GLU A 119 19.07 -15.21 -3.95
C GLU A 119 19.55 -15.87 -5.21
N THR A 120 20.85 -16.15 -5.28
CA THR A 120 21.41 -16.61 -6.56
C THR A 120 21.84 -18.07 -6.44
N LYS A 121 21.68 -18.71 -5.28
CA LYS A 121 22.16 -20.07 -5.12
C LYS A 121 21.07 -21.01 -4.56
N PRO A 122 20.71 -22.04 -5.28
CA PRO A 122 19.75 -23.01 -4.73
C PRO A 122 20.28 -23.66 -3.49
N THR A 123 19.53 -23.92 -2.48
CA THR A 123 19.59 -24.90 -1.42
C THR A 123 19.81 -26.31 -1.94
N LYS A 124 20.77 -27.04 -1.39
CA LYS A 124 21.21 -28.35 -1.78
C LYS A 124 20.82 -29.44 -0.77
C LYS A 124 20.80 -29.34 -0.68
N ASP B 1 -3.61 -1.50 6.99
CA ASP B 1 -2.22 -1.37 7.31
C ASP B 1 -1.51 -0.36 6.43
N VAL B 2 -0.22 -0.17 6.58
CA VAL B 2 0.51 0.85 5.82
C VAL B 2 0.58 0.50 4.36
N THR B 3 0.84 -0.73 4.00
CA THR B 3 0.97 -1.08 2.59
C THR B 3 -0.35 -0.92 1.87
N ASN B 4 -1.46 -1.26 2.54
CA ASN B 4 -2.78 -1.01 1.92
C ASN B 4 -3.05 0.47 1.69
N ALA B 5 -2.66 1.31 2.66
CA ALA B 5 -2.80 2.76 2.47
C ALA B 5 -1.98 3.28 1.32
N GLU B 6 -0.77 2.78 1.18
CA GLU B 6 0.11 3.14 0.06
C GLU B 6 -0.58 2.84 -1.26
N LYS B 7 -1.24 1.68 -1.39
CA LYS B 7 -1.94 1.35 -2.62
C LYS B 7 -3.12 2.29 -2.93
N LEU B 8 -3.82 2.66 -1.84
CA LEU B 8 -4.94 3.56 -2.08
C LEU B 8 -4.44 4.93 -2.55
N VAL B 9 -3.32 5.42 -2.01
CA VAL B 9 -2.73 6.68 -2.49
C VAL B 9 -2.38 6.57 -3.98
N TYR B 10 -1.76 5.45 -4.40
CA TYR B 10 -1.47 5.23 -5.84
C TYR B 10 -2.71 5.32 -6.67
N LYS B 11 -3.79 4.64 -6.23
CA LYS B 11 -5.04 4.67 -7.01
C LYS B 11 -5.57 6.08 -7.11
N TYR B 12 -5.72 6.81 -5.99
CA TYR B 12 -6.24 8.17 -6.11
C TYR B 12 -5.30 9.09 -6.89
N THR B 13 -3.96 8.88 -6.81
CA THR B 13 -3.04 9.66 -7.62
C THR B 13 -3.31 9.47 -9.13
N ASN B 14 -3.51 8.25 -9.56
CA ASN B 14 -3.73 7.99 -10.98
C ASN B 14 -5.03 8.64 -11.39
N ILE B 15 -6.06 8.64 -10.55
CA ILE B 15 -7.33 9.28 -10.93
C ILE B 15 -7.13 10.77 -11.02
N ALA B 16 -6.51 11.38 -10.04
CA ALA B 16 -6.29 12.84 -10.03
C ALA B 16 -5.47 13.24 -11.24
N HIS B 17 -4.48 12.40 -11.64
CA HIS B 17 -3.64 12.79 -12.78
C HIS B 17 -4.40 12.81 -14.10
N SER B 18 -5.48 12.04 -14.14
CA SER B 18 -6.33 12.00 -15.35
C SER B 18 -7.12 13.32 -15.44
N ALA B 19 -7.58 13.91 -14.36
CA ALA B 19 -8.29 15.17 -14.42
C ALA B 19 -7.39 16.39 -14.60
N ASN B 20 -6.15 16.28 -14.17
CA ASN B 20 -5.19 17.37 -14.27
C ASN B 20 -3.83 16.74 -14.53
N PRO B 21 -3.30 16.60 -15.75
CA PRO B 21 -1.95 16.10 -15.96
C PRO B 21 -0.85 16.84 -15.23
N MET B 22 -1.12 18.04 -14.77
CA MET B 22 -0.14 18.75 -13.95
C MET B 22 -0.09 18.19 -12.54
N TYR B 23 -1.09 17.43 -12.10
CA TYR B 23 -1.00 16.71 -10.82
C TYR B 23 -0.22 15.42 -11.06
N GLU B 24 0.99 15.28 -10.56
CA GLU B 24 1.81 14.10 -10.83
C GLU B 24 2.04 13.18 -9.63
N ALA B 25 2.09 13.84 -8.47
CA ALA B 25 2.38 13.14 -7.22
C ALA B 25 1.69 13.83 -6.06
N PRO B 26 1.34 13.12 -5.00
CA PRO B 26 0.72 13.76 -3.86
C PRO B 26 1.67 14.73 -3.19
N SER B 27 0.99 15.76 -2.65
CA SER B 27 1.61 16.78 -1.82
C SER B 27 1.20 16.59 -0.36
N ILE B 28 2.16 16.19 0.49
CA ILE B 28 1.83 16.03 1.91
C ILE B 28 1.58 17.40 2.53
N THR B 29 2.18 18.47 1.99
CA THR B 29 1.87 19.81 2.51
C THR B 29 0.42 20.18 2.36
N ASP B 30 -0.19 19.94 1.25
CA ASP B 30 -1.54 20.15 0.77
C ASP B 30 -2.42 19.18 1.57
N GLY B 31 -2.02 17.96 1.80
CA GLY B 31 -2.84 17.04 2.65
C GLY B 31 -3.01 17.54 4.07
N LYS B 32 -1.92 18.09 4.65
CA LYS B 32 -1.95 18.66 5.98
C LYS B 32 -2.80 19.93 5.98
N ILE B 33 -2.71 20.77 4.97
CA ILE B 33 -3.56 21.96 4.89
C ILE B 33 -5.03 21.58 4.88
N PHE B 34 -5.35 20.58 4.07
CA PHE B 34 -6.71 20.09 3.98
C PHE B 34 -7.24 19.61 5.32
N PHE B 35 -6.43 18.87 6.08
CA PHE B 35 -6.81 18.30 7.36
C PHE B 35 -7.07 19.39 8.43
N ASN B 36 -6.34 20.49 8.33
CA ASN B 36 -6.45 21.54 9.32
C ASN B 36 -7.28 22.76 8.89
N ARG B 37 -7.69 22.88 7.64
CA ARG B 37 -8.34 24.04 7.06
C ARG B 37 -9.72 24.22 7.72
N LYS B 38 -10.05 25.46 8.08
CA LYS B 38 -11.38 25.77 8.58
C LYS B 38 -12.40 25.88 7.46
N PHE B 39 -13.53 25.25 7.67
CA PHE B 39 -14.67 25.29 6.75
C PHE B 39 -15.89 25.75 7.56
N LYS B 40 -16.91 26.26 6.88
CA LYS B 40 -18.09 26.81 7.53
C LYS B 40 -19.22 25.78 7.54
N THR B 41 -19.67 25.44 8.75
CA THR B 41 -20.78 24.53 8.90
C THR B 41 -22.11 25.28 8.70
N PRO B 42 -23.22 24.61 8.42
CA PRO B 42 -24.46 25.33 8.08
C PRO B 42 -24.85 26.40 9.07
N SER B 43 -24.74 26.21 10.38
CA SER B 43 -25.31 27.27 11.23
C SER B 43 -24.29 28.29 11.65
N GLY B 44 -23.11 28.27 11.06
CA GLY B 44 -22.15 29.35 11.14
C GLY B 44 -20.84 29.01 11.78
N LYS B 45 -20.78 27.99 12.63
CA LYS B 45 -19.52 27.67 13.31
C LYS B 45 -18.49 27.15 12.30
N GLU B 46 -17.27 27.52 12.49
CA GLU B 46 -16.15 26.91 11.74
C GLU B 46 -15.79 25.57 12.40
N ALA B 47 -15.30 24.64 11.55
CA ALA B 47 -14.80 23.35 12.00
C ALA B 47 -13.69 22.93 11.03
N ALA B 48 -12.97 21.89 11.38
CA ALA B 48 -11.95 21.27 10.56
C ALA B 48 -11.92 19.80 10.79
N CYS B 49 -11.24 19.06 9.94
CA CYS B 49 -11.11 17.61 10.23
C CYS B 49 -10.47 17.42 11.57
N ALA B 50 -9.53 18.30 11.88
CA ALA B 50 -8.82 18.31 13.17
C ALA B 50 -9.71 18.56 14.34
N SER B 51 -10.90 19.11 14.17
CA SER B 51 -11.79 19.26 15.34
C SER B 51 -12.10 17.96 16.03
N CYS B 52 -12.25 16.88 15.27
CA CYS B 52 -12.48 15.54 15.84
C CYS B 52 -11.22 14.68 15.90
N HIS B 53 -10.35 14.77 14.90
CA HIS B 53 -9.20 13.88 14.81
C HIS B 53 -7.97 14.45 15.47
N THR B 54 -8.07 15.64 16.05
CA THR B 54 -6.98 16.45 16.62
C THR B 54 -6.07 16.96 15.51
N ASN B 55 -5.13 17.85 15.87
CA ASN B 55 -4.21 18.35 14.85
C ASN B 55 -3.05 17.45 14.55
N ASN B 56 -2.98 16.29 15.03
CA ASN B 56 -2.11 15.12 14.90
C ASN B 56 -2.86 13.80 14.69
N PRO B 57 -2.84 13.30 13.48
CA PRO B 57 -3.56 12.04 13.23
C PRO B 57 -2.99 10.78 13.86
N ALA B 58 -1.87 10.86 14.55
CA ALA B 58 -1.31 9.79 15.35
C ALA B 58 -1.96 9.73 16.71
N ASN B 59 -2.77 10.70 17.08
CA ASN B 59 -3.51 10.67 18.32
C ASN B 59 -4.87 10.05 18.28
N VAL B 60 -5.32 9.68 19.46
CA VAL B 60 -6.73 9.30 19.63
C VAL B 60 -7.53 10.59 19.54
N GLY B 61 -8.55 10.59 18.67
CA GLY B 61 -9.44 11.73 18.53
C GLY B 61 -10.62 11.61 19.48
N LYS B 62 -11.52 12.57 19.37
CA LYS B 62 -12.74 12.62 20.14
C LYS B 62 -13.82 13.24 19.26
N ASN B 63 -14.91 12.52 19.06
CA ASN B 63 -16.01 13.01 18.24
C ASN B 63 -16.70 14.14 18.98
N ILE B 64 -16.68 15.35 18.41
CA ILE B 64 -17.25 16.53 19.06
C ILE B 64 -18.75 16.41 19.18
N VAL B 65 -19.40 15.56 18.40
CA VAL B 65 -20.84 15.43 18.54
C VAL B 65 -21.24 14.46 19.64
N THR B 66 -20.51 13.36 19.81
CA THR B 66 -20.97 12.33 20.72
C THR B 66 -20.05 12.14 21.94
N GLY B 67 -18.84 12.69 21.87
CA GLY B 67 -17.91 12.62 22.98
C GLY B 67 -17.05 11.39 23.06
N LYS B 68 -17.23 10.49 22.13
CA LYS B 68 -16.64 9.20 22.04
C LYS B 68 -15.27 9.32 21.40
N GLU B 69 -14.36 8.52 21.92
CA GLU B 69 -13.03 8.41 21.36
C GLU B 69 -13.03 7.81 19.95
N ILE B 70 -12.05 8.22 19.16
CA ILE B 70 -11.84 7.81 17.79
C ILE B 70 -10.40 7.29 17.66
N PRO B 71 -10.19 6.04 17.26
CA PRO B 71 -8.82 5.57 17.09
C PRO B 71 -8.01 6.41 16.10
N PRO B 72 -6.69 6.43 16.23
CA PRO B 72 -5.88 7.27 15.33
C PRO B 72 -6.12 6.96 13.87
N LEU B 73 -5.94 7.97 13.05
CA LEU B 73 -5.99 7.79 11.57
C LEU B 73 -4.66 7.35 10.94
N ALA B 74 -3.54 7.70 11.54
CA ALA B 74 -2.23 7.43 10.95
C ALA B 74 -1.90 5.95 10.94
N PRO B 75 -1.76 5.34 9.80
CA PRO B 75 -1.68 3.89 9.79
C PRO B 75 -0.39 3.34 10.37
N ARG B 76 0.71 4.04 10.48
CA ARG B 76 1.91 3.48 11.11
C ARG B 76 1.65 3.33 12.60
N VAL B 77 0.73 4.12 13.17
CA VAL B 77 0.39 4.11 14.56
C VAL B 77 -0.75 3.16 14.85
N ASN B 78 -1.79 3.18 14.03
CA ASN B 78 -2.95 2.30 14.12
C ASN B 78 -2.95 1.44 12.84
N THR B 79 -2.35 0.28 12.92
CA THR B 79 -2.26 -0.52 11.68
C THR B 79 -3.57 -1.19 11.28
N LYS B 80 -4.65 -1.06 12.05
CA LYS B 80 -5.96 -1.56 11.65
C LYS B 80 -6.58 -0.60 10.63
N ARG B 81 -6.14 0.64 10.58
CA ARG B 81 -6.68 1.51 9.52
C ARG B 81 -6.32 0.99 8.14
N PHE B 82 -7.24 1.11 7.17
CA PHE B 82 -7.01 0.66 5.81
C PHE B 82 -6.83 -0.85 5.74
N THR B 83 -7.71 -1.59 6.45
CA THR B 83 -7.67 -3.05 6.32
C THR B 83 -8.28 -3.52 5.00
N ASP B 84 -9.47 -3.04 4.67
CA ASP B 84 -10.14 -3.36 3.40
C ASP B 84 -10.23 -2.10 2.57
N ILE B 85 -9.38 -1.91 1.54
CA ILE B 85 -9.35 -0.59 0.93
C ILE B 85 -10.55 -0.41 0.02
N ASP B 86 -11.22 -1.45 -0.40
CA ASP B 86 -12.47 -1.18 -1.13
C ASP B 86 -13.50 -0.60 -0.18
N LYS B 87 -13.60 -1.15 1.02
CA LYS B 87 -14.48 -0.58 2.01
C LYS B 87 -14.06 0.86 2.33
N VAL B 88 -12.77 1.13 2.45
CA VAL B 88 -12.31 2.50 2.76
C VAL B 88 -12.78 3.46 1.68
N GLU B 89 -12.65 3.09 0.41
CA GLU B 89 -13.12 3.99 -0.65
C GLU B 89 -14.57 4.34 -0.45
N ASP B 90 -15.41 3.36 -0.16
CA ASP B 90 -16.83 3.61 0.09
C ASP B 90 -17.04 4.47 1.34
N GLU B 91 -16.34 4.16 2.40
CA GLU B 91 -16.52 4.87 3.66
C GLU B 91 -16.00 6.29 3.57
N PHE B 92 -14.88 6.49 2.87
CA PHE B 92 -14.35 7.87 2.75
C PHE B 92 -15.32 8.76 1.98
N THR B 93 -15.93 8.22 0.91
CA THR B 93 -16.97 8.97 0.19
C THR B 93 -18.14 9.28 1.11
N LYS B 94 -18.63 8.29 1.85
CA LYS B 94 -19.74 8.58 2.77
C LYS B 94 -19.36 9.61 3.81
N HIS B 95 -18.14 9.52 4.35
CA HIS B 95 -17.73 10.41 5.41
C HIS B 95 -17.57 11.84 4.89
N CYS B 96 -16.99 12.05 3.72
CA CYS B 96 -16.93 13.38 3.12
C CYS B 96 -18.34 13.91 2.92
N ASN B 97 -19.24 13.07 2.43
CA ASN B 97 -20.61 13.54 2.28
C ASN B 97 -21.21 13.95 3.62
N ASP B 98 -20.98 13.17 4.67
CA ASP B 98 -21.49 13.54 6.01
C ASP B 98 -20.90 14.83 6.55
N ILE B 99 -19.59 14.92 6.55
CA ILE B 99 -18.92 16.08 7.16
C ILE B 99 -19.05 17.34 6.32
N LEU B 100 -18.95 17.22 4.99
CA LEU B 100 -18.83 18.39 4.12
C LEU B 100 -20.03 18.57 3.22
N GLY B 101 -20.87 17.58 3.05
CA GLY B 101 -22.05 17.70 2.17
C GLY B 101 -21.88 17.16 0.79
N ALA B 102 -20.66 16.77 0.43
CA ALA B 102 -20.35 16.28 -0.91
C ALA B 102 -19.01 15.56 -0.81
N ASP B 103 -18.72 14.70 -1.81
CA ASP B 103 -17.47 13.95 -1.75
C ASP B 103 -16.25 14.84 -1.82
N CYS B 104 -15.18 14.36 -1.21
CA CYS B 104 -13.86 14.97 -1.39
C CYS B 104 -13.36 14.61 -2.77
N SER B 105 -12.38 15.39 -3.28
CA SER B 105 -11.83 15.08 -4.62
C SER B 105 -10.74 14.01 -4.56
N PRO B 106 -10.45 13.33 -5.68
CA PRO B 106 -9.35 12.38 -5.69
C PRO B 106 -8.02 12.99 -5.31
N SER B 107 -7.70 14.23 -5.78
CA SER B 107 -6.44 14.81 -5.34
C SER B 107 -6.42 15.05 -3.86
N GLU B 108 -7.53 15.50 -3.25
CA GLU B 108 -7.57 15.62 -1.80
C GLU B 108 -7.35 14.30 -1.07
N LYS B 109 -7.95 13.22 -1.54
CA LYS B 109 -7.79 11.91 -0.91
C LYS B 109 -6.37 11.43 -1.02
N ALA B 110 -5.74 11.57 -2.17
CA ALA B 110 -4.35 11.15 -2.35
C ALA B 110 -3.45 11.96 -1.45
N ASN B 111 -3.60 13.29 -1.48
CA ASN B 111 -2.77 14.16 -0.66
C ASN B 111 -2.93 13.81 0.82
N PHE B 112 -4.18 13.58 1.23
CA PHE B 112 -4.45 13.39 2.67
C PHE B 112 -3.85 12.09 3.18
N ILE B 113 -4.05 11.01 2.42
CA ILE B 113 -3.60 9.69 2.90
C ILE B 113 -2.07 9.64 2.80
N ALA B 114 -1.49 10.30 1.77
CA ALA B 114 -0.02 10.39 1.76
C ALA B 114 0.46 11.12 3.01
N TYR B 115 -0.17 12.22 3.37
CA TYR B 115 0.13 12.92 4.63
C TYR B 115 0.01 11.97 5.81
N LEU B 116 -1.10 11.21 5.92
CA LEU B 116 -1.27 10.30 7.05
C LEU B 116 -0.10 9.32 7.20
N LEU B 117 0.47 8.90 6.09
CA LEU B 117 1.57 7.95 6.05
C LEU B 117 2.87 8.52 6.56
N THR B 118 2.92 9.83 6.81
CA THR B 118 4.11 10.49 7.32
C THR B 118 4.01 10.87 8.77
N GLU B 119 2.88 10.58 9.43
CA GLU B 119 2.72 10.92 10.86
C GLU B 119 2.99 9.70 11.73
N THR B 120 3.92 9.83 12.65
CA THR B 120 4.44 8.68 13.32
C THR B 120 4.46 8.75 14.85
N LYS B 121 4.08 9.87 15.44
CA LYS B 121 4.31 10.10 16.87
C LYS B 121 3.14 10.78 17.55
N PRO B 122 2.43 10.06 18.39
CA PRO B 122 1.35 10.68 19.17
C PRO B 122 1.97 11.80 19.97
N THR B 123 1.42 12.97 19.98
CA THR B 123 1.55 13.94 21.04
C THR B 123 0.45 13.93 22.10
FE HEC C . 3.65 -17.47 -6.82
CHA HEC C . 4.36 -17.54 -10.18
CHB HEC C . 5.52 -14.63 -6.52
CHC HEC C . 2.54 -17.13 -3.60
CHD HEC C . 2.09 -20.51 -7.09
NA HEC C . 4.77 -16.35 -8.06
C1A HEC C . 4.94 -16.52 -9.45
C2A HEC C . 5.78 -15.47 -9.96
C3A HEC C . 6.15 -14.70 -8.94
C4A HEC C . 5.49 -15.21 -7.76
CMA HEC C . 7.06 -13.44 -8.95
CAA HEC C . 6.19 -15.33 -11.45
CBA HEC C . 5.23 -14.40 -12.22
CGA HEC C . 5.60 -14.27 -13.65
O1A HEC C . 4.70 -14.08 -14.49
O2A HEC C . 6.79 -14.34 -14.01
NB HEC C . 3.96 -16.13 -5.36
C1B HEC C . 4.73 -15.01 -5.42
C2B HEC C . 4.59 -14.25 -4.19
C3B HEC C . 3.74 -14.94 -3.38
C4B HEC C . 3.37 -16.13 -4.11
CMB HEC C . 5.28 -12.91 -3.87
CAB HEC C . 3.24 -14.60 -1.96
CBB HEC C . 2.52 -13.26 -1.91
NC HEC C . 2.55 -18.60 -5.60
C1C HEC C . 2.22 -18.31 -4.28
C2C HEC C . 1.53 -19.43 -3.68
C3C HEC C . 1.42 -20.40 -4.65
C4C HEC C . 2.04 -19.88 -5.84
CMC HEC C . 1.10 -19.45 -2.21
CAC HEC C . 0.87 -21.82 -4.56
CBC HEC C . -0.59 -21.86 -4.11
ND HEC C . 3.30 -18.75 -8.32
C1D HEC C . 2.60 -19.95 -8.24
C2D HEC C . 2.39 -20.48 -9.56
C3D HEC C . 2.87 -19.56 -10.44
C4D HEC C . 3.55 -18.54 -9.68
CMD HEC C . 1.71 -21.83 -9.89
CAD HEC C . 2.65 -19.58 -11.98
CBD HEC C . 3.56 -20.62 -12.70
CGD HEC C . 4.90 -20.07 -13.13
O1D HEC C . 5.88 -20.85 -13.35
O2D HEC C . 5.02 -18.83 -13.29
FE HEC D . -13.30 11.64 10.27
CHA HEC D . -13.35 8.27 10.48
CHB HEC D . -11.03 11.50 7.70
CHC HEC D . -13.68 15.02 9.75
CHD HEC D . -15.35 11.82 13.00
NA HEC D . -12.33 10.19 9.32
C1A HEC D . -12.47 8.82 9.54
C2A HEC D . -11.60 8.11 8.64
C3A HEC D . -10.92 9.00 7.89
C4A HEC D . -11.41 10.31 8.27
CMA HEC D . -9.90 8.69 6.78
CAA HEC D . -11.50 6.57 8.55
CBA HEC D . -12.44 5.95 7.49
CGA HEC D . -12.16 4.46 7.41
O1A HEC D . -11.50 4.06 6.44
O2A HEC D . -12.58 3.74 8.35
NB HEC D . -12.51 12.99 9.00
C1B HEC D . -11.60 12.73 7.97
C2B HEC D . -11.38 13.93 7.21
C3B HEC D . -12.16 14.92 7.76
C4B HEC D . -12.82 14.33 8.89
CMB HEC D . -10.40 14.05 5.99
CAB HEC D . -12.30 16.39 7.34
CBB HEC D . -12.80 16.57 5.89
NC HEC D . -14.27 13.11 11.22
C1C HEC D . -14.28 14.46 10.87
C2C HEC D . -15.00 15.22 11.85
C3C HEC D . -15.45 14.35 12.80
C4C HEC D . -15.03 13.03 12.37
CMC HEC D . -15.17 16.75 11.79
CAC HEC D . -16.18 14.59 14.11
CBC HEC D . -17.50 15.37 13.94
ND HEC D . -14.15 10.30 11.51
C1D HEC D . -15.00 10.56 12.59
C2D HEC D . -15.53 9.34 13.12
C3D HEC D . -15.09 8.35 12.29
C4D HEC D . -14.16 8.94 11.36
CMD HEC D . -16.50 9.21 14.29
CAD HEC D . -15.56 6.88 12.31
CBD HEC D . -14.99 6.06 13.45
CGD HEC D . -13.68 5.34 13.11
O1D HEC D . -13.01 4.89 14.06
O2D HEC D . -13.39 5.20 11.88
#